data_3ZD2
#
_entry.id   3ZD2
#
_cell.length_a   45.270
_cell.length_b   46.880
_cell.length_c   111.660
_cell.angle_alpha   90.00
_cell.angle_beta   90.00
_cell.angle_gamma   90.00
#
_symmetry.space_group_name_H-M   'P 21 21 21'
#
loop_
_entity.id
_entity.type
_entity.pdbx_description
1 polymer 'COMPLEMENT FACTOR H-RELATED PROTEIN 1'
2 non-polymer 1,2-ETHANEDIOL
3 water water
#
_entity_poly.entity_id   1
_entity_poly.type   'polypeptide(L)'
_entity_poly.pdbx_seq_one_letter_code
;EATFCDFPKINHGILYDEEKYKPFSQVPTGEVFYYSCEYNFVSPSKSFWTRITCTEEGWSPTPKCLRLCFFPFVENGHSE
SSGQTHLEGDTVQIICNTGYRLQNNENNISCVERGWSTPPKCRST
;
_entity_poly.pdbx_strand_id   A,B
#
loop_
_chem_comp.id
_chem_comp.type
_chem_comp.name
_chem_comp.formula
EDO non-polymer 1,2-ETHANEDIOL 'C2 H6 O2'
#
# COMPACT_ATOMS: atom_id res chain seq x y z
N GLU A 1 3.89 -15.42 30.04
CA GLU A 1 3.38 -14.07 30.32
C GLU A 1 4.49 -13.12 30.74
N ALA A 2 4.35 -11.83 30.40
CA ALA A 2 5.33 -10.80 30.78
C ALA A 2 4.70 -9.44 31.06
N THR A 3 5.48 -8.55 31.69
CA THR A 3 5.14 -7.16 32.04
C THR A 3 5.57 -6.23 30.90
N PHE A 4 6.18 -6.79 29.85
CA PHE A 4 6.69 -6.03 28.70
C PHE A 4 6.72 -6.85 27.42
N CYS A 5 6.89 -6.17 26.27
CA CYS A 5 7.07 -6.79 24.95
C CYS A 5 8.40 -6.31 24.43
N ASP A 6 9.09 -7.15 23.66
CA ASP A 6 10.31 -6.76 23.00
C ASP A 6 9.90 -5.83 21.86
N PHE A 7 10.79 -4.92 21.43
CA PHE A 7 10.50 -4.01 20.35
C PHE A 7 10.10 -4.86 19.10
N PRO A 8 9.02 -4.51 18.40
CA PRO A 8 8.59 -5.37 17.28
C PRO A 8 9.53 -5.34 16.07
N LYS A 9 9.84 -6.53 15.55
CA LYS A 9 10.64 -6.70 14.34
C LYS A 9 9.63 -7.14 13.30
N ILE A 10 9.34 -6.26 12.33
CA ILE A 10 8.35 -6.51 11.30
C ILE A 10 9.02 -6.55 9.95
N ASN A 11 9.08 -7.74 9.35
CA ASN A 11 9.66 -7.92 8.02
C ASN A 11 8.79 -7.18 7.01
N HIS A 12 9.43 -6.30 6.20
CA HIS A 12 8.81 -5.44 5.18
C HIS A 12 7.89 -4.36 5.79
N GLY A 13 8.03 -4.14 7.09
CA GLY A 13 7.24 -3.17 7.85
C GLY A 13 7.99 -1.92 8.26
N ILE A 14 7.23 -0.84 8.51
CA ILE A 14 7.74 0.45 8.94
C ILE A 14 6.86 0.94 10.11
N LEU A 15 7.48 1.30 11.23
CA LEU A 15 6.72 1.82 12.37
C LEU A 15 6.54 3.31 12.25
N TYR A 16 5.41 3.84 12.74
CA TYR A 16 5.17 5.28 12.78
C TYR A 16 6.12 5.83 13.86
N ASP A 17 6.83 6.91 13.56
CA ASP A 17 7.83 7.53 14.47
C ASP A 17 8.92 6.51 14.91
N GLU A 18 9.41 5.69 13.97
CA GLU A 18 10.43 4.67 14.22
C GLU A 18 11.70 5.29 14.83
N GLU A 19 12.26 6.32 14.17
CA GLU A 19 13.48 7.07 14.56
C GLU A 19 13.51 7.61 16.00
N LYS A 20 12.40 7.49 16.75
CA LYS A 20 12.25 7.94 18.14
C LYS A 20 12.39 6.80 19.18
N TYR A 21 12.53 5.53 18.72
CA TYR A 21 12.65 4.35 19.61
C TYR A 21 13.88 3.48 19.32
N LYS A 22 14.39 2.79 20.37
CA LYS A 22 15.55 1.88 20.27
C LYS A 22 15.15 0.39 20.10
N PRO A 23 15.85 -0.37 19.21
CA PRO A 23 15.49 -1.77 18.95
C PRO A 23 15.61 -2.78 20.10
N PHE A 24 16.35 -2.45 21.18
CA PHE A 24 16.51 -3.35 22.33
C PHE A 24 15.67 -2.95 23.55
N SER A 25 14.91 -1.86 23.41
CA SER A 25 14.03 -1.32 24.45
C SER A 25 12.95 -2.34 24.86
N GLN A 26 12.56 -2.28 26.15
CA GLN A 26 11.49 -3.11 26.70
C GLN A 26 10.32 -2.20 26.69
N VAL A 27 9.28 -2.63 26.00
CA VAL A 27 8.07 -1.83 25.84
C VAL A 27 7.04 -2.26 26.89
N PRO A 28 6.53 -1.34 27.76
CA PRO A 28 5.55 -1.75 28.78
C PRO A 28 4.21 -2.19 28.21
N THR A 29 3.48 -3.02 28.96
CA THR A 29 2.14 -3.48 28.58
C THR A 29 1.19 -2.30 28.44
N GLY A 30 0.36 -2.34 27.41
CA GLY A 30 -0.60 -1.30 27.11
C GLY A 30 -0.13 -0.29 26.07
N GLU A 31 1.18 -0.26 25.80
CA GLU A 31 1.79 0.63 24.81
C GLU A 31 1.26 0.32 23.42
N VAL A 32 1.00 1.39 22.64
CA VAL A 32 0.41 1.30 21.33
C VAL A 32 1.38 1.84 20.28
N PHE A 33 1.62 1.04 19.22
CA PHE A 33 2.43 1.40 18.04
C PHE A 33 1.54 1.22 16.82
N TYR A 34 1.98 1.80 15.71
CA TYR A 34 1.33 1.72 14.41
C TYR A 34 2.38 1.31 13.39
N TYR A 35 2.03 0.33 12.53
CA TYR A 35 2.94 -0.08 11.47
C TYR A 35 2.30 0.00 10.11
N SER A 36 3.12 0.25 9.11
CA SER A 36 2.75 0.26 7.71
C SER A 36 3.64 -0.79 7.01
N CYS A 37 3.30 -1.13 5.76
CA CYS A 37 4.07 -2.09 4.98
C CYS A 37 4.71 -1.39 3.80
N GLU A 38 5.91 -1.85 3.41
CA GLU A 38 6.64 -1.32 2.25
C GLU A 38 5.84 -1.53 0.97
N TYR A 39 6.20 -0.82 -0.11
CA TYR A 39 5.57 -0.98 -1.42
C TYR A 39 5.59 -2.49 -1.78
N ASN A 40 4.47 -2.99 -2.37
CA ASN A 40 4.28 -4.38 -2.78
C ASN A 40 3.85 -5.33 -1.64
N PHE A 41 3.71 -4.80 -0.41
CA PHE A 41 3.30 -5.56 0.78
C PHE A 41 2.05 -4.95 1.38
N VAL A 42 1.29 -5.74 2.12
CA VAL A 42 0.03 -5.26 2.71
C VAL A 42 -0.20 -5.85 4.10
N SER A 43 -0.89 -5.09 4.97
CA SER A 43 -1.25 -5.54 6.31
C SER A 43 -2.49 -6.47 6.19
N PRO A 44 -2.79 -7.30 7.22
CA PRO A 44 -3.98 -8.19 7.13
C PRO A 44 -5.32 -7.49 6.87
N SER A 45 -5.52 -6.26 7.39
CA SER A 45 -6.79 -5.55 7.16
C SER A 45 -6.75 -4.65 5.91
N LYS A 46 -5.55 -4.57 5.27
CA LYS A 46 -5.28 -3.73 4.09
C LYS A 46 -5.20 -2.23 4.48
N SER A 47 -5.27 -1.91 5.79
CA SER A 47 -5.16 -0.54 6.27
C SER A 47 -3.73 -0.08 6.11
N PHE A 48 -3.54 1.19 5.70
CA PHE A 48 -2.20 1.76 5.54
C PHE A 48 -1.43 1.69 6.87
N TRP A 49 -2.06 2.15 7.99
CA TRP A 49 -1.48 2.07 9.35
C TRP A 49 -2.30 1.09 10.17
N THR A 50 -1.62 0.17 10.87
CA THR A 50 -2.27 -0.85 11.72
C THR A 50 -1.79 -0.68 13.15
N ARG A 51 -2.74 -0.52 14.06
CA ARG A 51 -2.51 -0.37 15.48
C ARG A 51 -2.10 -1.74 16.08
N ILE A 52 -1.04 -1.75 16.86
CA ILE A 52 -0.57 -2.95 17.58
C ILE A 52 -0.38 -2.55 19.04
N THR A 53 -0.84 -3.39 19.97
CA THR A 53 -0.76 -3.11 21.40
C THR A 53 0.04 -4.17 22.11
N CYS A 54 0.89 -3.73 23.04
CA CYS A 54 1.70 -4.63 23.83
C CYS A 54 0.82 -5.24 24.93
N THR A 55 0.68 -6.56 24.90
CA THR A 55 -0.12 -7.31 25.88
C THR A 55 0.81 -8.26 26.64
N GLU A 56 0.28 -8.96 27.67
CA GLU A 56 1.00 -9.94 28.48
C GLU A 56 1.45 -11.12 27.61
N GLU A 57 0.74 -11.35 26.48
CA GLU A 57 0.96 -12.41 25.47
C GLU A 57 1.74 -11.94 24.22
N GLY A 58 2.22 -10.70 24.24
CA GLY A 58 2.96 -10.11 23.13
C GLY A 58 2.16 -9.08 22.35
N TRP A 59 2.63 -8.72 21.15
CA TRP A 59 1.96 -7.73 20.28
C TRP A 59 0.64 -8.24 19.72
N SER A 60 -0.44 -7.45 19.91
CA SER A 60 -1.78 -7.80 19.46
C SER A 60 -2.45 -6.69 18.61
N PRO A 61 -2.90 -6.97 17.37
CA PRO A 61 -2.73 -8.22 16.60
C PRO A 61 -1.25 -8.42 16.25
N THR A 62 -0.87 -9.64 15.86
CA THR A 62 0.50 -9.92 15.47
C THR A 62 0.83 -9.08 14.19
N PRO A 63 1.87 -8.23 14.21
CA PRO A 63 2.18 -7.42 13.02
C PRO A 63 2.67 -8.31 11.86
N LYS A 64 2.13 -8.09 10.66
CA LYS A 64 2.47 -8.88 9.48
C LYS A 64 2.33 -8.08 8.18
N CYS A 65 3.33 -8.19 7.28
CA CYS A 65 3.31 -7.55 5.98
C CYS A 65 3.41 -8.66 4.93
N LEU A 66 2.30 -8.85 4.22
CA LEU A 66 2.13 -9.91 3.23
C LEU A 66 2.39 -9.42 1.81
N ARG A 67 3.10 -10.22 1.03
CA ARG A 67 3.41 -9.93 -0.36
C ARG A 67 2.15 -9.91 -1.23
N LEU A 68 2.08 -8.95 -2.16
CA LEU A 68 1.02 -8.86 -3.16
C LEU A 68 1.62 -9.37 -4.47
N CYS A 69 0.90 -10.28 -5.16
CA CYS A 69 1.32 -10.87 -6.43
C CYS A 69 0.31 -10.56 -7.51
N PHE A 70 0.80 -10.25 -8.70
CA PHE A 70 -0.05 -9.86 -9.82
C PHE A 70 0.59 -10.13 -11.19
N PHE A 71 -0.26 -10.39 -12.17
CA PHE A 71 0.06 -10.47 -13.59
C PHE A 71 -1.15 -9.94 -14.37
N PRO A 72 -0.97 -9.07 -15.37
CA PRO A 72 -2.12 -8.55 -16.11
C PRO A 72 -2.79 -9.58 -17.03
N PHE A 73 -1.98 -10.49 -17.59
CA PHE A 73 -2.41 -11.56 -18.51
C PHE A 73 -1.27 -12.58 -18.59
N VAL A 74 -1.50 -13.66 -19.35
CA VAL A 74 -0.52 -14.71 -19.61
C VAL A 74 -0.39 -14.77 -21.13
N GLU A 75 0.80 -14.45 -21.65
CA GLU A 75 1.07 -14.52 -23.08
C GLU A 75 1.12 -16.01 -23.44
N ASN A 76 0.34 -16.41 -24.46
CA ASN A 76 0.19 -17.78 -24.96
C ASN A 76 -0.43 -18.72 -23.91
N GLY A 77 -1.31 -18.15 -23.11
CA GLY A 77 -2.00 -18.87 -22.05
C GLY A 77 -3.19 -18.11 -21.51
N HIS A 78 -3.85 -18.68 -20.50
CA HIS A 78 -5.02 -18.08 -19.87
C HIS A 78 -5.02 -18.40 -18.39
N SER A 79 -5.66 -17.53 -17.62
CA SER A 79 -5.84 -17.65 -16.19
C SER A 79 -7.00 -16.79 -15.76
N GLU A 80 -7.82 -17.32 -14.85
CA GLU A 80 -8.95 -16.57 -14.25
C GLU A 80 -8.39 -15.47 -13.36
N SER A 81 -7.12 -15.60 -12.94
CA SER A 81 -6.41 -14.66 -12.09
C SER A 81 -5.71 -13.53 -12.85
N SER A 82 -5.87 -13.47 -14.19
CA SER A 82 -5.29 -12.40 -15.01
C SER A 82 -5.92 -11.06 -14.61
N GLY A 83 -5.08 -10.08 -14.32
CA GLY A 83 -5.51 -8.74 -13.92
C GLY A 83 -6.02 -8.61 -12.49
N GLN A 84 -5.80 -9.65 -11.67
CA GLN A 84 -6.24 -9.73 -10.27
C GLN A 84 -5.04 -9.78 -9.34
N THR A 85 -5.06 -8.98 -8.27
CA THR A 85 -3.99 -8.93 -7.28
C THR A 85 -4.23 -10.03 -6.23
N HIS A 86 -3.22 -10.87 -6.01
CA HIS A 86 -3.30 -11.98 -5.04
C HIS A 86 -2.45 -11.73 -3.83
N LEU A 87 -2.84 -12.31 -2.71
CA LEU A 87 -2.15 -12.18 -1.43
C LEU A 87 -1.24 -13.39 -1.20
N GLU A 88 -0.17 -13.20 -0.41
CA GLU A 88 0.76 -14.27 0.00
C GLU A 88 -0.05 -15.43 0.62
N GLY A 89 0.12 -16.62 0.08
CA GLY A 89 -0.64 -17.79 0.51
C GLY A 89 -1.64 -18.28 -0.53
N ASP A 90 -1.98 -17.41 -1.49
CA ASP A 90 -2.91 -17.75 -2.57
C ASP A 90 -2.22 -18.62 -3.61
N THR A 91 -3.02 -19.42 -4.31
CA THR A 91 -2.60 -20.27 -5.40
C THR A 91 -3.41 -19.92 -6.61
N VAL A 92 -2.75 -19.88 -7.75
CA VAL A 92 -3.34 -19.48 -9.03
C VAL A 92 -3.08 -20.63 -10.02
N GLN A 93 -4.03 -20.83 -10.94
CA GLN A 93 -3.92 -21.83 -12.01
C GLN A 93 -3.74 -21.12 -13.34
N ILE A 94 -2.85 -21.65 -14.18
CA ILE A 94 -2.57 -21.12 -15.51
C ILE A 94 -2.64 -22.26 -16.54
N ILE A 95 -3.41 -22.04 -17.62
CA ILE A 95 -3.53 -23.03 -18.70
C ILE A 95 -2.84 -22.45 -19.95
N CYS A 96 -1.85 -23.16 -20.46
CA CYS A 96 -1.10 -22.75 -21.63
C CYS A 96 -1.72 -23.20 -22.93
N ASN A 97 -1.50 -22.41 -23.99
CA ASN A 97 -1.95 -22.71 -25.34
C ASN A 97 -1.10 -23.83 -25.95
N THR A 98 -1.59 -24.43 -27.06
CA THR A 98 -0.93 -25.50 -27.82
C THR A 98 0.54 -25.16 -28.14
N GLY A 99 1.42 -26.10 -27.79
CA GLY A 99 2.85 -25.97 -27.99
C GLY A 99 3.57 -25.26 -26.85
N TYR A 100 2.81 -24.71 -25.88
CA TYR A 100 3.35 -23.99 -24.75
C TYR A 100 3.13 -24.72 -23.44
N ARG A 101 4.01 -24.46 -22.46
CA ARG A 101 3.89 -25.07 -21.13
C ARG A 101 4.46 -24.23 -20.03
N LEU A 102 3.93 -24.47 -18.83
CA LEU A 102 4.31 -23.86 -17.58
C LEU A 102 5.12 -24.94 -16.88
N GLN A 103 6.43 -24.99 -17.18
CA GLN A 103 7.36 -25.97 -16.63
C GLN A 103 7.62 -25.83 -15.14
N ASN A 104 6.94 -26.66 -14.36
CA ASN A 104 7.02 -26.80 -12.89
C ASN A 104 6.27 -28.07 -12.51
N ASN A 105 6.76 -28.78 -11.48
CA ASN A 105 6.16 -30.04 -11.04
C ASN A 105 5.02 -29.84 -10.01
N GLU A 106 4.36 -28.67 -10.09
CA GLU A 106 3.24 -28.27 -9.22
C GLU A 106 2.00 -27.89 -10.05
N ASN A 107 0.81 -28.35 -9.59
CA ASN A 107 -0.48 -28.07 -10.23
C ASN A 107 -0.91 -26.61 -10.06
N ASN A 108 -0.32 -25.91 -9.10
CA ASN A 108 -0.63 -24.52 -8.81
C ASN A 108 0.64 -23.68 -8.63
N ILE A 109 0.54 -22.38 -8.97
CA ILE A 109 1.60 -21.39 -8.75
C ILE A 109 1.17 -20.65 -7.49
N SER A 110 2.08 -20.53 -6.54
CA SER A 110 1.80 -19.86 -5.27
C SER A 110 2.35 -18.44 -5.22
N CYS A 111 1.64 -17.56 -4.47
CA CYS A 111 2.14 -16.22 -4.16
C CYS A 111 2.88 -16.43 -2.85
N VAL A 112 4.19 -16.28 -2.90
CA VAL A 112 5.05 -16.44 -1.71
C VAL A 112 5.67 -15.09 -1.37
N GLU A 113 6.42 -15.03 -0.25
CA GLU A 113 7.07 -13.82 0.24
C GLU A 113 7.87 -13.08 -0.81
N ARG A 114 8.64 -13.81 -1.65
CA ARG A 114 9.45 -13.25 -2.74
C ARG A 114 8.65 -12.93 -4.02
N GLY A 115 7.38 -13.29 -4.05
CA GLY A 115 6.53 -13.05 -5.21
C GLY A 115 5.94 -14.36 -5.73
N TRP A 116 5.84 -14.52 -7.06
CA TRP A 116 5.30 -15.77 -7.63
C TRP A 116 6.30 -16.91 -7.43
N SER A 117 5.82 -18.10 -6.99
CA SER A 117 6.69 -19.27 -6.73
C SER A 117 7.38 -19.73 -8.01
N THR A 118 6.69 -19.59 -9.12
CA THR A 118 7.12 -19.91 -10.48
C THR A 118 6.64 -18.73 -11.36
N PRO A 119 7.44 -18.23 -12.34
CA PRO A 119 6.94 -17.10 -13.15
C PRO A 119 5.64 -17.41 -13.91
N PRO A 120 4.64 -16.50 -13.90
CA PRO A 120 3.38 -16.79 -14.60
C PRO A 120 3.50 -16.67 -16.12
N LYS A 121 4.33 -17.55 -16.72
CA LYS A 121 4.67 -17.49 -18.14
C LYS A 121 4.61 -18.84 -18.81
N CYS A 122 3.95 -18.90 -19.97
CA CYS A 122 3.88 -20.12 -20.77
C CYS A 122 5.02 -20.08 -21.78
N ARG A 123 5.92 -21.08 -21.71
CA ARG A 123 7.11 -21.16 -22.58
C ARG A 123 6.98 -22.17 -23.67
N SER A 124 7.68 -21.89 -24.79
CA SER A 124 7.70 -22.73 -25.98
C SER A 124 8.69 -23.91 -25.89
N THR A 125 9.54 -23.96 -24.84
CA THR A 125 10.47 -25.09 -24.62
C THR A 125 9.69 -26.29 -24.06
N ALA B 2 -10.90 10.69 -30.69
CA ALA B 2 -9.46 10.42 -30.79
C ALA B 2 -9.18 8.94 -31.08
N THR B 3 -8.12 8.66 -31.84
CA THR B 3 -7.74 7.28 -32.21
C THR B 3 -6.66 6.76 -31.28
N PHE B 4 -6.16 7.60 -30.37
CA PHE B 4 -5.07 7.27 -29.47
C PHE B 4 -5.11 8.08 -28.16
N CYS B 5 -4.33 7.63 -27.16
CA CYS B 5 -4.12 8.35 -25.90
C CYS B 5 -2.63 8.59 -25.78
N ASP B 6 -2.25 9.70 -25.16
CA ASP B 6 -0.84 9.97 -24.89
C ASP B 6 -0.42 9.02 -23.79
N PHE B 7 0.88 8.66 -23.71
CA PHE B 7 1.38 7.77 -22.67
C PHE B 7 1.00 8.38 -21.30
N PRO B 8 0.43 7.61 -20.36
CA PRO B 8 -0.01 8.24 -19.11
C PRO B 8 1.12 8.72 -18.21
N LYS B 9 1.00 9.96 -17.73
CA LYS B 9 1.96 10.54 -16.79
C LYS B 9 1.22 10.53 -15.46
N ILE B 10 1.65 9.65 -14.56
CA ILE B 10 1.02 9.47 -13.26
C ILE B 10 2.00 9.86 -12.17
N ASN B 11 1.74 11.02 -11.53
CA ASN B 11 2.56 11.52 -10.42
C ASN B 11 2.38 10.55 -9.27
N HIS B 12 3.52 10.09 -8.71
CA HIS B 12 3.63 9.12 -7.59
C HIS B 12 3.13 7.71 -8.01
N GLY B 13 2.99 7.49 -9.30
CA GLY B 13 2.52 6.24 -9.88
C GLY B 13 3.60 5.42 -10.55
N ILE B 14 3.36 4.13 -10.68
CA ILE B 14 4.26 3.16 -11.29
C ILE B 14 3.41 2.28 -12.21
N LEU B 15 3.78 2.18 -13.48
CA LEU B 15 3.07 1.30 -14.40
C LEU B 15 3.62 -0.10 -14.31
N TYR B 16 2.77 -1.13 -14.51
CA TYR B 16 3.23 -2.52 -14.55
C TYR B 16 4.04 -2.65 -15.85
N ASP B 17 5.25 -3.23 -15.75
CA ASP B 17 6.19 -3.41 -16.87
C ASP B 17 6.56 -2.05 -17.51
N GLU B 18 6.84 -1.06 -16.65
CA GLU B 18 7.22 0.31 -16.98
C GLU B 18 8.49 0.30 -17.83
N GLU B 19 9.54 -0.41 -17.35
CA GLU B 19 10.84 -0.55 -18.03
C GLU B 19 10.77 -1.57 -19.19
N LYS B 20 9.77 -1.40 -20.08
CA LYS B 20 9.55 -2.26 -21.25
C LYS B 20 8.98 -1.44 -22.41
N TYR B 21 8.04 -0.52 -22.12
CA TYR B 21 7.41 0.33 -23.12
C TYR B 21 8.37 1.44 -23.59
N SER B 25 5.50 7.46 -26.84
CA SER B 25 4.78 7.16 -28.08
C SER B 25 3.26 7.17 -27.87
N GLN B 26 2.50 7.20 -28.97
CA GLN B 26 1.04 7.19 -28.97
C GLN B 26 0.54 5.79 -28.61
N VAL B 27 -0.54 5.72 -27.83
CA VAL B 27 -1.12 4.44 -27.39
C VAL B 27 -2.48 4.24 -28.10
N PRO B 28 -2.68 3.15 -28.88
CA PRO B 28 -3.97 2.97 -29.57
C PRO B 28 -5.16 2.75 -28.64
N THR B 29 -6.36 3.07 -29.12
CA THR B 29 -7.60 2.86 -28.37
C THR B 29 -7.79 1.37 -28.09
N GLY B 30 -8.25 1.08 -26.88
CA GLY B 30 -8.48 -0.29 -26.41
C GLY B 30 -7.35 -0.88 -25.60
N GLU B 31 -6.15 -0.27 -25.68
CA GLU B 31 -4.95 -0.70 -24.95
C GLU B 31 -5.19 -0.60 -23.46
N VAL B 32 -4.72 -1.61 -22.72
CA VAL B 32 -4.89 -1.72 -21.28
C VAL B 32 -3.55 -1.67 -20.57
N PHE B 33 -3.44 -0.79 -19.55
CA PHE B 33 -2.27 -0.65 -18.67
C PHE B 33 -2.78 -0.84 -17.24
N TYR B 34 -1.84 -1.06 -16.31
CA TYR B 34 -2.09 -1.18 -14.89
C TYR B 34 -1.12 -0.28 -14.16
N TYR B 35 -1.63 0.49 -13.19
CA TYR B 35 -0.76 1.35 -12.40
C TYR B 35 -0.91 1.10 -10.92
N SER B 36 0.18 1.30 -10.21
CA SER B 36 0.22 1.23 -8.76
C SER B 36 0.70 2.60 -8.25
N CYS B 37 0.59 2.85 -6.96
CA CYS B 37 1.03 4.10 -6.36
C CYS B 37 2.19 3.81 -5.42
N GLU B 38 3.13 4.76 -5.33
CA GLU B 38 4.29 4.65 -4.43
C GLU B 38 3.83 4.58 -2.96
N TYR B 39 4.74 4.18 -2.07
CA TYR B 39 4.47 4.13 -0.63
C TYR B 39 3.91 5.49 -0.19
N ASN B 40 2.88 5.49 0.68
CA ASN B 40 2.20 6.68 1.21
C ASN B 40 1.14 7.29 0.28
N PHE B 41 0.94 6.70 -0.91
CA PHE B 41 -0.05 7.14 -1.90
C PHE B 41 -1.02 6.02 -2.19
N VAL B 42 -2.22 6.37 -2.64
CA VAL B 42 -3.26 5.38 -2.90
C VAL B 42 -4.08 5.72 -4.16
N SER B 43 -4.57 4.69 -4.86
CA SER B 43 -5.42 4.86 -6.03
C SER B 43 -6.85 5.19 -5.56
N PRO B 44 -7.74 5.75 -6.41
CA PRO B 44 -9.12 6.07 -5.97
C PRO B 44 -9.93 4.88 -5.43
N SER B 45 -9.71 3.66 -5.95
CA SER B 45 -10.44 2.47 -5.47
C SER B 45 -9.70 1.74 -4.34
N LYS B 46 -8.48 2.23 -3.99
CA LYS B 46 -7.58 1.66 -2.97
C LYS B 46 -6.94 0.34 -3.44
N SER B 47 -7.21 -0.09 -4.69
CA SER B 47 -6.62 -1.31 -5.25
C SER B 47 -5.14 -1.11 -5.52
N PHE B 48 -4.29 -2.12 -5.21
CA PHE B 48 -2.84 -2.04 -5.45
C PHE B 48 -2.56 -1.79 -6.92
N TRP B 49 -3.16 -2.58 -7.84
CA TRP B 49 -3.04 -2.36 -9.28
C TRP B 49 -4.39 -1.91 -9.82
N THR B 50 -4.40 -0.84 -10.61
CA THR B 50 -5.63 -0.31 -11.20
C THR B 50 -5.51 -0.39 -12.70
N ARG B 51 -6.49 -1.05 -13.32
CA ARG B 51 -6.62 -1.21 -14.76
C ARG B 51 -7.05 0.12 -15.36
N ILE B 52 -6.35 0.59 -16.39
CA ILE B 52 -6.71 1.80 -17.12
C ILE B 52 -6.76 1.45 -18.60
N THR B 53 -7.80 1.89 -19.30
CA THR B 53 -8.00 1.58 -20.71
C THR B 53 -7.99 2.86 -21.53
N CYS B 54 -7.32 2.81 -22.68
CA CYS B 54 -7.29 3.94 -23.59
C CYS B 54 -8.60 3.97 -24.38
N THR B 55 -9.35 5.05 -24.21
CA THR B 55 -10.64 5.24 -24.89
C THR B 55 -10.55 6.47 -25.78
N GLU B 56 -11.65 6.76 -26.54
CA GLU B 56 -11.81 7.94 -27.39
C GLU B 56 -11.96 9.21 -26.52
N GLU B 57 -12.12 9.03 -25.20
CA GLU B 57 -12.22 10.11 -24.23
C GLU B 57 -11.02 10.18 -23.28
N GLY B 58 -9.95 9.44 -23.63
CA GLY B 58 -8.72 9.37 -22.85
C GLY B 58 -8.65 8.13 -21.97
N TRP B 59 -7.76 8.14 -20.96
CA TRP B 59 -7.60 7.00 -20.04
C TRP B 59 -8.81 6.85 -19.11
N SER B 60 -9.38 5.63 -19.05
CA SER B 60 -10.55 5.33 -18.23
C SER B 60 -10.35 4.10 -17.32
N PRO B 61 -10.52 4.23 -15.98
CA PRO B 61 -10.73 5.47 -15.19
C PRO B 61 -9.48 6.37 -15.27
N THR B 62 -9.64 7.64 -14.92
CA THR B 62 -8.51 8.58 -14.90
C THR B 62 -7.49 8.10 -13.87
N PRO B 63 -6.21 7.86 -14.24
CA PRO B 63 -5.22 7.41 -13.22
C PRO B 63 -4.86 8.51 -12.24
N LYS B 64 -4.79 8.18 -10.94
CA LYS B 64 -4.51 9.16 -9.89
C LYS B 64 -3.85 8.45 -8.69
N CYS B 65 -2.90 9.12 -8.03
CA CYS B 65 -2.26 8.63 -6.80
C CYS B 65 -2.37 9.72 -5.75
N LEU B 66 -3.23 9.49 -4.75
CA LEU B 66 -3.55 10.44 -3.68
C LEU B 66 -2.76 10.17 -2.41
N ARG B 67 -2.27 11.26 -1.79
CA ARG B 67 -1.51 11.18 -0.54
C ARG B 67 -2.38 10.71 0.63
N LEU B 68 -1.80 9.85 1.48
CA LEU B 68 -2.44 9.40 2.71
C LEU B 68 -1.77 10.14 3.86
N CYS B 69 -2.58 10.69 4.79
CA CYS B 69 -2.09 11.43 5.95
C CYS B 69 -2.58 10.79 7.24
N PHE B 70 -1.72 10.74 8.26
CA PHE B 70 -2.05 10.11 9.53
C PHE B 70 -1.22 10.64 10.70
N PHE B 71 -1.82 10.61 11.89
CA PHE B 71 -1.17 10.84 13.17
C PHE B 71 -1.90 9.98 14.23
N PRO B 72 -1.18 9.26 15.11
CA PRO B 72 -1.84 8.41 16.10
C PRO B 72 -2.54 9.20 17.22
N PHE B 73 -1.96 10.35 17.58
CA PHE B 73 -2.45 11.26 18.64
C PHE B 73 -1.74 12.59 18.47
N VAL B 74 -2.09 13.57 19.31
CA VAL B 74 -1.47 14.88 19.36
C VAL B 74 -0.95 15.07 20.78
N GLU B 75 0.38 15.16 20.94
CA GLU B 75 0.99 15.39 22.25
C GLU B 75 0.65 16.83 22.65
N ASN B 76 0.10 17.01 23.86
CA ASN B 76 -0.34 18.30 24.42
C ASN B 76 -1.50 18.92 23.61
N GLY B 77 -2.34 18.05 23.08
CA GLY B 77 -3.49 18.44 22.28
C GLY B 77 -4.47 17.32 22.07
N HIS B 78 -5.54 17.59 21.32
CA HIS B 78 -6.58 16.60 21.01
C HIS B 78 -7.09 16.83 19.61
N SER B 79 -7.61 15.75 19.01
CA SER B 79 -8.20 15.74 17.68
C SER B 79 -9.08 14.52 17.55
N GLU B 80 -10.25 14.68 16.90
CA GLU B 80 -11.18 13.59 16.62
C GLU B 80 -10.55 12.68 15.55
N SER B 81 -9.58 13.22 14.79
CA SER B 81 -8.85 12.55 13.73
C SER B 81 -7.63 11.75 14.21
N SER B 82 -7.39 11.70 15.54
CA SER B 82 -6.28 10.92 16.11
C SER B 82 -6.52 9.42 15.83
N GLY B 83 -5.51 8.78 15.24
CA GLY B 83 -5.56 7.36 14.87
C GLY B 83 -6.34 7.04 13.62
N GLN B 84 -6.75 8.08 12.85
CA GLN B 84 -7.50 7.95 11.60
C GLN B 84 -6.61 8.29 10.38
N THR B 85 -6.70 7.50 9.30
CA THR B 85 -5.95 7.78 8.06
C THR B 85 -6.82 8.68 7.18
N HIS B 86 -6.27 9.81 6.73
CA HIS B 86 -6.98 10.76 5.90
C HIS B 86 -6.44 10.77 4.48
N LEU B 87 -7.33 11.07 3.55
CA LEU B 87 -7.03 11.12 2.13
C LEU B 87 -6.76 12.57 1.71
N GLU B 88 -5.97 12.76 0.64
CA GLU B 88 -5.68 14.07 0.05
C GLU B 88 -7.00 14.79 -0.25
N GLY B 89 -7.14 16.00 0.30
CA GLY B 89 -8.34 16.82 0.17
C GLY B 89 -9.11 16.94 1.46
N ASP B 90 -8.83 16.06 2.44
CA ASP B 90 -9.50 16.08 3.75
C ASP B 90 -8.96 17.22 4.61
N THR B 91 -9.81 17.72 5.52
CA THR B 91 -9.45 18.75 6.49
C THR B 91 -9.60 18.19 7.89
N VAL B 92 -8.64 18.52 8.78
CA VAL B 92 -8.54 18.01 10.15
C VAL B 92 -8.40 19.14 11.18
N GLN B 93 -9.17 19.07 12.29
CA GLN B 93 -9.10 20.07 13.35
C GLN B 93 -8.28 19.53 14.52
N ILE B 94 -7.41 20.38 15.10
CA ILE B 94 -6.58 20.05 16.26
C ILE B 94 -6.71 21.13 17.31
N ILE B 95 -7.04 20.75 18.55
CA ILE B 95 -7.15 21.70 19.66
C ILE B 95 -6.00 21.44 20.64
N CYS B 96 -5.16 22.46 20.84
CA CYS B 96 -4.01 22.36 21.73
C CYS B 96 -4.35 22.69 23.17
N ASN B 97 -3.61 22.08 24.10
CA ASN B 97 -3.73 22.30 25.54
C ASN B 97 -3.16 23.67 25.92
N THR B 98 -3.49 24.14 27.15
CA THR B 98 -3.11 25.41 27.80
C THR B 98 -2.32 26.40 26.94
N GLY B 99 -0.99 26.28 26.91
CA GLY B 99 -0.12 27.17 26.15
C GLY B 99 0.65 26.48 25.05
N TYR B 100 -0.08 25.96 24.04
CA TYR B 100 0.48 25.25 22.89
C TYR B 100 -0.21 25.69 21.58
N ARG B 101 0.51 25.57 20.44
CA ARG B 101 0.02 25.98 19.11
C ARG B 101 0.53 25.09 17.96
N LEU B 102 -0.14 25.14 16.78
CA LEU B 102 0.18 24.35 15.57
C LEU B 102 0.76 25.23 14.43
N GLN B 103 1.98 25.77 14.62
CA GLN B 103 2.72 26.63 13.66
C GLN B 103 1.85 27.64 12.84
N ASN B 104 1.15 28.61 13.48
CA ASN B 104 1.05 28.83 14.93
C ASN B 104 -0.39 28.68 15.42
N ASN B 105 -1.17 29.79 15.49
CA ASN B 105 -2.58 29.75 15.92
C ASN B 105 -3.50 29.39 14.73
N GLU B 106 -3.12 28.32 13.99
CA GLU B 106 -3.80 27.82 12.80
C GLU B 106 -5.07 27.01 13.07
N ASN B 107 -5.09 26.21 14.17
CA ASN B 107 -6.18 25.33 14.61
C ASN B 107 -6.57 24.16 13.69
N ASN B 108 -6.67 24.40 12.36
CA ASN B 108 -7.03 23.37 11.39
C ASN B 108 -5.91 23.10 10.40
N ILE B 109 -5.68 21.81 10.11
CA ILE B 109 -4.67 21.34 9.15
C ILE B 109 -5.35 20.47 8.07
N SER B 110 -4.74 20.39 6.89
CA SER B 110 -5.32 19.61 5.80
C SER B 110 -4.33 18.64 5.17
N CYS B 111 -4.85 17.51 4.65
CA CYS B 111 -4.03 16.52 3.98
C CYS B 111 -3.87 16.95 2.53
N VAL B 112 -2.66 17.36 2.17
CA VAL B 112 -2.33 17.81 0.82
C VAL B 112 -1.34 16.82 0.18
N GLU B 113 -0.98 17.03 -1.09
CA GLU B 113 -0.07 16.17 -1.85
C GLU B 113 1.23 15.89 -1.12
N ARG B 114 1.82 16.90 -0.48
CA ARG B 114 3.08 16.78 0.27
C ARG B 114 2.91 16.19 1.69
N GLY B 115 1.66 16.00 2.11
CA GLY B 115 1.34 15.46 3.45
C GLY B 115 0.48 16.42 4.22
N TRP B 116 0.73 16.53 5.53
CA TRP B 116 -0.03 17.49 6.34
C TRP B 116 0.40 18.91 5.98
N SER B 117 -0.57 19.81 5.79
CA SER B 117 -0.28 21.22 5.42
C SER B 117 0.65 21.89 6.45
N THR B 118 0.46 21.56 7.74
CA THR B 118 1.20 22.01 8.90
C THR B 118 1.40 20.75 9.80
N PRO B 119 2.58 20.51 10.43
CA PRO B 119 2.75 19.30 11.26
C PRO B 119 1.71 19.19 12.37
N PRO B 120 1.10 18.00 12.59
CA PRO B 120 0.05 17.88 13.63
C PRO B 120 0.65 17.83 15.04
N LYS B 121 1.33 18.91 15.44
CA LYS B 121 2.06 18.99 16.70
C LYS B 121 1.77 20.27 17.46
N CYS B 122 1.46 20.15 18.76
CA CYS B 122 1.20 21.26 19.66
C CYS B 122 2.49 21.62 20.42
N ARG B 123 3.15 22.72 20.00
CA ARG B 123 4.42 23.18 20.57
C ARG B 123 4.26 24.35 21.55
C1 EDO C . 7.16 6.97 10.09
O1 EDO C . 8.33 6.18 9.99
C2 EDO C . 7.51 8.42 10.53
O2 EDO C . 6.31 9.18 10.60
C1 EDO D . 3.59 5.24 17.82
O1 EDO D . 2.46 6.06 17.93
C2 EDO D . 3.48 4.59 16.43
O2 EDO D . 4.44 3.60 16.27
C1 EDO E . -2.34 -15.34 -26.17
O1 EDO E . -1.12 -14.63 -26.05
C2 EDO E . -3.04 -15.34 -24.80
O2 EDO E . -3.93 -16.45 -24.71
C1 EDO F . -9.90 -7.03 9.31
O1 EDO F . -8.99 -7.94 9.91
C2 EDO F . -10.04 -7.37 7.80
O2 EDO F . -10.54 -6.24 7.10
C1 EDO G . -6.70 -5.65 -8.52
O1 EDO G . -5.83 -5.87 -9.63
C2 EDO G . -7.80 -6.72 -8.50
O2 EDO G . -7.70 -7.51 -7.33
C1 EDO H . 4.32 -15.18 -21.14
O1 EDO H . 3.52 -16.33 -20.91
C2 EDO H . 4.11 -14.12 -20.02
O2 EDO H . 2.77 -13.68 -19.96
C1 EDO I . 0.94 -0.33 2.55
O1 EDO I . 1.97 0.18 1.75
C2 EDO I . 1.17 0.23 3.97
O2 EDO I . 0.69 -0.61 4.97
C1 EDO J . 10.59 -18.12 -5.75
O1 EDO J . 10.40 -19.06 -4.70
C2 EDO J . 9.88 -16.81 -5.38
O2 EDO J . 9.82 -15.94 -6.49
C1 EDO K . -7.00 -12.01 -3.28
O1 EDO K . -6.96 -13.14 -2.44
C2 EDO K . -7.58 -12.44 -4.63
O2 EDO K . -7.74 -11.30 -5.46
C1 EDO L . -4.07 -4.26 -1.57
O1 EDO L . -3.25 -3.09 -1.52
C2 EDO L . -5.33 -4.01 -2.44
O2 EDO L . -5.09 -4.41 -3.79
C1 EDO M . 6.05 7.29 6.47
O1 EDO M . 6.37 6.04 7.03
C2 EDO M . 4.86 7.89 7.23
O2 EDO M . 4.29 8.95 6.48
C1 EDO N . -2.13 1.69 -5.50
O1 EDO N . -0.89 1.03 -5.48
C2 EDO N . -2.62 1.91 -4.08
O2 EDO N . -4.01 2.04 -4.17
C1 EDO O . -10.60 -1.03 -12.29
O1 EDO O . -10.02 -0.20 -13.29
C2 EDO O . -9.51 -1.41 -11.25
O2 EDO O . -8.62 -2.37 -11.81
C1 EDO P . 0.90 9.36 6.81
O1 EDO P . 1.64 8.16 6.88
C2 EDO P . 1.59 10.47 7.65
O2 EDO P . 0.92 11.70 7.41
C1 EDO Q . -0.02 -4.45 -18.69
O1 EDO Q . 1.33 -4.86 -18.79
C2 EDO Q . -0.71 -4.72 -20.04
O2 EDO Q . -2.11 -4.81 -19.84
C1 EDO R . -2.05 19.55 -3.35
O1 EDO R . -3.08 19.11 -2.48
C2 EDO R . -0.79 19.99 -2.55
O2 EDO R . 0.33 20.08 -3.42
#